data_6MW6
#
_entry.id   6MW6
#
_entity_poly.entity_id   1
_entity_poly.type   'polypeptide(L)'
_entity_poly.pdbx_seq_one_letter_code
;GGVGKIIEYFIGGGVGRYG
;
_entity_poly.pdbx_strand_id   A
#
# COMPACT_ATOMS: atom_id res chain seq x y z
N GLY A 1 -0.15 1.18 -2.64
CA GLY A 1 -1.09 1.91 -3.46
C GLY A 1 -2.56 1.50 -3.49
N GLY A 2 -2.96 0.58 -2.61
CA GLY A 2 -4.30 0.06 -2.46
C GLY A 2 -4.58 -0.59 -1.11
N VAL A 3 -5.33 -1.71 -1.11
CA VAL A 3 -5.64 -2.49 0.08
C VAL A 3 -4.77 -3.73 0.21
N GLY A 4 -4.61 -4.31 1.41
CA GLY A 4 -4.07 -5.65 1.55
C GLY A 4 -3.14 -5.84 2.74
N LYS A 5 -2.28 -6.86 2.64
CA LYS A 5 -1.37 -7.36 3.64
C LYS A 5 -0.12 -6.49 3.80
N ILE A 6 0.84 -6.58 2.87
CA ILE A 6 2.10 -5.90 3.00
C ILE A 6 2.02 -4.42 2.62
N ILE A 7 2.84 -3.62 3.31
CA ILE A 7 2.85 -2.17 3.22
C ILE A 7 3.20 -1.66 1.83
N GLU A 8 2.50 -0.62 1.38
CA GLU A 8 2.52 -0.05 0.04
C GLU A 8 2.38 1.47 0.03
N TYR A 9 2.39 2.13 1.19
CA TYR A 9 2.08 3.55 1.29
C TYR A 9 3.11 4.45 0.66
N PHE A 10 4.38 4.03 0.57
CA PHE A 10 5.48 4.71 -0.11
C PHE A 10 5.60 4.50 -1.61
N ILE A 11 4.80 3.60 -2.19
CA ILE A 11 4.69 3.32 -3.60
C ILE A 11 3.22 3.25 -4.03
N GLY A 12 2.65 4.43 -4.27
CA GLY A 12 1.24 4.63 -4.49
C GLY A 12 0.63 5.67 -3.55
N GLY A 13 1.37 6.74 -3.25
CA GLY A 13 0.93 7.98 -2.66
C GLY A 13 0.81 7.94 -1.14
N GLY A 14 0.00 7.00 -0.66
CA GLY A 14 -0.30 6.79 0.74
C GLY A 14 -1.43 5.81 1.04
N VAL A 15 -2.16 5.41 0.00
CA VAL A 15 -3.39 4.63 0.05
C VAL A 15 -3.33 3.37 0.90
N GLY A 16 -2.19 2.71 1.13
CA GLY A 16 -1.98 1.78 2.21
C GLY A 16 -1.10 0.58 1.89
N ARG A 17 -1.67 -0.53 1.40
CA ARG A 17 -1.08 -1.84 1.28
C ARG A 17 -1.25 -2.44 -0.11
N TYR A 18 -0.82 -3.68 -0.37
CA TYR A 18 -1.13 -4.40 -1.59
C TYR A 18 -1.08 -5.92 -1.51
N GLY A 19 -0.54 -6.48 -0.43
CA GLY A 19 -0.38 -7.91 -0.27
C GLY A 19 -1.65 -8.75 -0.24
N GLY A 1 -1.12 2.27 -3.46
CA GLY A 1 -2.26 2.71 -4.25
C GLY A 1 -3.58 1.98 -4.09
N GLY A 2 -3.66 0.87 -3.35
CA GLY A 2 -4.90 0.16 -3.08
C GLY A 2 -4.90 -0.71 -1.83
N VAL A 3 -4.95 -2.03 -2.05
CA VAL A 3 -5.37 -3.09 -1.15
C VAL A 3 -4.44 -4.29 -1.25
N GLY A 4 -4.19 -4.98 -0.13
CA GLY A 4 -3.28 -6.09 0.03
C GLY A 4 -2.78 -6.30 1.46
N LYS A 5 -1.84 -7.22 1.67
CA LYS A 5 -1.16 -7.40 2.93
C LYS A 5 0.02 -6.47 3.16
N ILE A 6 0.97 -6.43 2.23
CA ILE A 6 2.12 -5.55 2.32
C ILE A 6 1.85 -4.15 1.79
N ILE A 7 2.54 -3.18 2.39
CA ILE A 7 2.29 -1.76 2.26
C ILE A 7 2.62 -1.19 0.88
N GLU A 8 1.87 -0.16 0.49
CA GLU A 8 2.04 0.63 -0.72
C GLU A 8 2.32 2.09 -0.40
N TYR A 9 2.12 2.57 0.82
CA TYR A 9 2.40 3.92 1.27
C TYR A 9 3.64 4.58 0.67
N PHE A 10 4.82 3.97 0.81
CA PHE A 10 6.06 4.41 0.23
C PHE A 10 6.04 4.78 -1.24
N ILE A 11 5.29 4.07 -2.09
CA ILE A 11 5.17 4.25 -3.53
C ILE A 11 3.83 4.79 -4.02
N GLY A 12 2.78 4.87 -3.19
CA GLY A 12 1.41 5.08 -3.61
C GLY A 12 0.59 5.94 -2.66
N GLY A 13 1.23 6.98 -2.14
CA GLY A 13 0.62 8.13 -1.50
C GLY A 13 0.22 7.85 -0.05
N GLY A 14 -0.92 7.19 0.10
CA GLY A 14 -1.66 7.09 1.34
C GLY A 14 -2.80 6.08 1.38
N VAL A 15 -3.02 5.33 0.29
CA VAL A 15 -4.19 4.49 0.12
C VAL A 15 -4.10 3.27 1.02
N GLY A 16 -2.91 2.66 1.13
CA GLY A 16 -2.70 1.56 2.05
C GLY A 16 -1.66 0.57 1.57
N ARG A 17 -2.14 -0.54 1.01
CA ARG A 17 -1.43 -1.77 0.68
C ARG A 17 -1.48 -2.09 -0.81
N TYR A 18 -0.83 -3.17 -1.24
CA TYR A 18 -0.92 -3.75 -2.56
C TYR A 18 -0.73 -5.26 -2.69
N GLY A 19 0.10 -5.91 -1.88
CA GLY A 19 0.38 -7.33 -2.01
C GLY A 19 -0.27 -8.16 -0.91
N GLY A 1 -1.18 1.25 -2.91
CA GLY A 1 -2.35 1.52 -3.73
C GLY A 1 -3.70 1.11 -3.16
N GLY A 2 -3.76 0.39 -2.03
CA GLY A 2 -4.99 -0.02 -1.41
C GLY A 2 -4.83 -0.71 -0.06
N VAL A 3 -5.04 -2.03 -0.05
CA VAL A 3 -5.49 -2.84 1.07
C VAL A 3 -4.62 -4.05 1.35
N GLY A 4 -4.60 -4.53 2.60
CA GLY A 4 -4.14 -5.87 2.92
C GLY A 4 -2.81 -5.94 3.65
N LYS A 5 -2.02 -6.96 3.29
CA LYS A 5 -1.02 -7.57 4.15
C LYS A 5 0.29 -6.80 4.34
N ILE A 6 0.75 -6.06 3.34
CA ILE A 6 2.02 -5.38 3.39
C ILE A 6 1.90 -4.00 2.76
N ILE A 7 2.72 -3.07 3.25
CA ILE A 7 2.69 -1.64 2.95
C ILE A 7 2.88 -1.34 1.47
N GLU A 8 2.30 -0.23 1.01
CA GLU A 8 2.41 0.31 -0.33
C GLU A 8 2.67 1.81 -0.29
N TYR A 9 2.26 2.56 0.74
CA TYR A 9 2.21 4.00 0.75
C TYR A 9 3.49 4.71 0.33
N PHE A 10 4.64 4.18 0.77
CA PHE A 10 5.98 4.62 0.42
C PHE A 10 6.29 4.65 -1.07
N ILE A 11 5.49 4.04 -1.94
CA ILE A 11 5.44 4.28 -3.37
C ILE A 11 4.07 4.78 -3.82
N GLY A 12 2.97 4.28 -3.27
CA GLY A 12 1.59 4.49 -3.66
C GLY A 12 0.91 5.57 -2.81
N GLY A 13 1.35 6.81 -2.95
CA GLY A 13 0.89 8.03 -2.31
C GLY A 13 0.71 7.91 -0.80
N GLY A 14 -0.51 7.57 -0.38
CA GLY A 14 -0.90 7.37 1.00
C GLY A 14 -1.92 6.27 1.27
N VAL A 15 -2.35 5.51 0.26
CA VAL A 15 -3.56 4.72 0.27
C VAL A 15 -3.55 3.60 1.31
N GLY A 16 -2.38 2.97 1.51
CA GLY A 16 -2.11 2.02 2.57
C GLY A 16 -1.17 0.91 2.12
N ARG A 17 -1.79 -0.23 1.81
CA ARG A 17 -1.17 -1.51 1.52
C ARG A 17 -1.39 -2.01 0.10
N TYR A 18 -0.94 -3.24 -0.17
CA TYR A 18 -1.30 -3.96 -1.38
C TYR A 18 -1.25 -5.47 -1.29
N GLY A 19 -0.53 -6.05 -0.32
CA GLY A 19 -0.36 -7.47 -0.10
C GLY A 19 -1.62 -8.32 -0.06
N GLY A 1 -0.78 1.21 -3.61
CA GLY A 1 -2.03 1.41 -4.31
C GLY A 1 -3.34 0.94 -3.70
N GLY A 2 -3.36 0.06 -2.69
CA GLY A 2 -4.57 -0.50 -2.14
C GLY A 2 -4.44 -1.12 -0.76
N VAL A 3 -4.68 -2.44 -0.70
CA VAL A 3 -4.81 -3.26 0.49
C VAL A 3 -3.98 -4.52 0.33
N GLY A 4 -3.64 -5.19 1.44
CA GLY A 4 -2.86 -6.41 1.48
C GLY A 4 -2.08 -6.50 2.79
N LYS A 5 -1.05 -7.35 2.84
CA LYS A 5 -0.26 -7.63 4.02
C LYS A 5 0.91 -6.66 4.20
N ILE A 6 1.94 -6.73 3.37
CA ILE A 6 3.02 -5.76 3.33
C ILE A 6 2.59 -4.44 2.69
N ILE A 7 3.30 -3.37 3.03
CA ILE A 7 3.06 -1.99 2.65
C ILE A 7 3.35 -1.66 1.20
N GLU A 8 2.52 -0.79 0.60
CA GLU A 8 2.62 -0.19 -0.72
C GLU A 8 3.05 1.26 -0.61
N TYR A 9 2.83 1.92 0.53
CA TYR A 9 2.96 3.35 0.78
C TYR A 9 4.19 4.01 0.18
N PHE A 10 5.40 3.48 0.36
CA PHE A 10 6.67 4.06 -0.07
C PHE A 10 6.81 4.19 -1.59
N ILE A 11 5.91 3.56 -2.36
CA ILE A 11 5.77 3.67 -3.79
C ILE A 11 4.35 4.01 -4.23
N GLY A 12 3.49 4.50 -3.32
CA GLY A 12 2.07 4.64 -3.53
C GLY A 12 1.43 5.67 -2.60
N GLY A 13 1.70 6.95 -2.87
CA GLY A 13 1.34 8.18 -2.19
C GLY A 13 1.07 8.04 -0.71
N GLY A 14 -0.16 7.67 -0.35
CA GLY A 14 -0.55 7.11 0.93
C GLY A 14 -1.89 6.38 0.89
N VAL A 15 -1.87 5.17 0.33
CA VAL A 15 -3.06 4.34 0.27
C VAL A 15 -3.01 3.24 1.31
N GLY A 16 -1.97 2.41 1.32
CA GLY A 16 -1.80 1.31 2.25
C GLY A 16 -0.86 0.22 1.77
N ARG A 17 -1.42 -0.96 1.46
CA ARG A 17 -0.75 -2.23 1.32
C ARG A 17 -0.93 -2.92 -0.02
N TYR A 18 -0.21 -4.02 -0.27
CA TYR A 18 -0.38 -4.86 -1.45
C TYR A 18 0.01 -6.32 -1.26
N GLY A 19 0.59 -6.71 -0.13
CA GLY A 19 1.17 -8.02 0.12
C GLY A 19 0.21 -9.20 -0.02
N GLY A 1 -1.69 1.37 -3.40
CA GLY A 1 -2.82 1.14 -4.29
C GLY A 1 -4.14 0.76 -3.65
N GLY A 2 -4.17 -0.07 -2.61
CA GLY A 2 -5.43 -0.54 -2.05
C GLY A 2 -5.32 -1.19 -0.67
N VAL A 3 -6.13 -2.21 -0.43
CA VAL A 3 -6.19 -3.06 0.75
C VAL A 3 -5.43 -4.34 0.44
N GLY A 4 -4.70 -4.89 1.43
CA GLY A 4 -3.78 -6.00 1.27
C GLY A 4 -2.86 -6.22 2.47
N LYS A 5 -1.90 -7.13 2.32
CA LYS A 5 -0.92 -7.50 3.32
C LYS A 5 0.33 -6.64 3.37
N ILE A 6 0.94 -6.32 2.22
CA ILE A 6 2.26 -5.77 2.07
C ILE A 6 2.19 -4.27 1.75
N ILE A 7 3.00 -3.48 2.45
CA ILE A 7 2.91 -2.04 2.59
C ILE A 7 3.12 -1.27 1.29
N GLU A 8 2.12 -0.52 0.84
CA GLU A 8 2.10 0.29 -0.35
C GLU A 8 2.46 1.75 -0.09
N TYR A 9 2.31 2.24 1.15
CA TYR A 9 2.47 3.62 1.54
C TYR A 9 3.79 4.18 1.00
N PHE A 10 4.90 3.46 1.16
CA PHE A 10 6.25 3.83 0.80
C PHE A 10 6.48 4.16 -0.68
N ILE A 11 5.59 3.76 -1.58
CA ILE A 11 5.65 4.02 -3.01
C ILE A 11 4.34 4.54 -3.60
N GLY A 12 3.24 4.52 -2.86
CA GLY A 12 1.86 4.78 -3.24
C GLY A 12 1.23 5.88 -2.40
N GLY A 13 2.01 6.94 -2.14
CA GLY A 13 1.70 8.10 -1.34
C GLY A 13 1.46 7.74 0.12
N GLY A 14 0.24 7.27 0.43
CA GLY A 14 -0.20 6.77 1.71
C GLY A 14 -1.42 5.85 1.68
N VAL A 15 -1.72 5.21 0.55
CA VAL A 15 -2.96 4.50 0.30
C VAL A 15 -3.14 3.29 1.21
N GLY A 16 -2.28 2.27 1.14
CA GLY A 16 -2.47 1.08 1.93
C GLY A 16 -1.50 -0.05 1.61
N ARG A 17 -1.98 -1.08 0.91
CA ARG A 17 -1.27 -2.33 0.64
C ARG A 17 -1.58 -2.96 -0.70
N TYR A 18 -0.64 -3.75 -1.22
CA TYR A 18 -0.58 -4.16 -2.60
C TYR A 18 -0.47 -5.63 -2.98
N GLY A 19 -0.58 -6.55 -2.01
CA GLY A 19 -0.45 -7.98 -2.22
C GLY A 19 -0.98 -8.85 -1.10
N GLY A 1 -1.43 0.08 -3.65
CA GLY A 1 -2.50 -0.19 -4.59
C GLY A 1 -3.92 -0.01 -4.05
N GLY A 2 -4.17 -0.41 -2.80
CA GLY A 2 -5.41 -0.26 -2.08
C GLY A 2 -5.28 -0.97 -0.73
N VAL A 3 -5.81 -2.19 -0.60
CA VAL A 3 -5.73 -3.04 0.57
C VAL A 3 -4.91 -4.27 0.24
N GLY A 4 -4.40 -4.98 1.26
CA GLY A 4 -3.66 -6.22 1.10
C GLY A 4 -2.73 -6.54 2.27
N LYS A 5 -1.98 -7.64 2.17
CA LYS A 5 -1.03 -8.15 3.15
C LYS A 5 0.17 -7.25 3.32
N ILE A 6 0.84 -6.93 2.21
CA ILE A 6 2.14 -6.28 2.19
C ILE A 6 2.07 -4.90 1.56
N ILE A 7 3.04 -4.08 1.98
CA ILE A 7 2.99 -2.64 1.89
C ILE A 7 3.08 -2.08 0.47
N GLU A 8 2.29 -1.05 0.17
CA GLU A 8 2.31 -0.25 -1.05
C GLU A 8 2.65 1.20 -0.74
N TYR A 9 2.48 1.66 0.49
CA TYR A 9 2.88 2.97 0.94
C TYR A 9 4.27 3.42 0.53
N PHE A 10 5.22 2.49 0.43
CA PHE A 10 6.59 2.66 0.00
C PHE A 10 6.76 3.02 -1.48
N ILE A 11 5.72 2.88 -2.29
CA ILE A 11 5.63 3.21 -3.69
C ILE A 11 4.43 4.08 -4.07
N GLY A 12 3.51 4.31 -3.13
CA GLY A 12 2.27 5.02 -3.33
C GLY A 12 1.74 5.70 -2.07
N GLY A 13 2.14 6.98 -1.95
CA GLY A 13 1.59 8.05 -1.16
C GLY A 13 0.88 7.63 0.11
N GLY A 14 -0.44 7.44 0.06
CA GLY A 14 -1.29 6.94 1.12
C GLY A 14 -2.09 5.71 0.73
N VAL A 15 -1.74 5.00 -0.35
CA VAL A 15 -2.48 3.94 -1.00
C VAL A 15 -2.14 2.58 -0.41
N GLY A 16 -2.00 2.50 0.91
CA GLY A 16 -1.92 1.33 1.77
C GLY A 16 -1.07 0.15 1.31
N ARG A 17 -1.70 -0.88 0.76
CA ARG A 17 -1.15 -2.19 0.52
C ARG A 17 -1.54 -2.78 -0.84
N TYR A 18 -0.93 -3.90 -1.23
CA TYR A 18 -1.26 -4.67 -2.42
C TYR A 18 -1.08 -6.18 -2.32
N GLY A 19 -0.59 -6.72 -1.20
CA GLY A 19 -0.30 -8.12 -0.99
C GLY A 19 -1.47 -9.08 -0.90
N GLY A 1 -1.33 0.13 -3.33
CA GLY A 1 -2.57 -0.22 -4.00
C GLY A 1 -3.79 0.35 -3.30
N GLY A 2 -4.04 -0.15 -2.09
CA GLY A 2 -4.96 0.33 -1.08
C GLY A 2 -5.26 -0.66 0.04
N VAL A 3 -5.57 -1.92 -0.33
CA VAL A 3 -5.88 -3.02 0.56
C VAL A 3 -4.90 -4.17 0.38
N GLY A 4 -4.47 -4.77 1.50
CA GLY A 4 -3.52 -5.86 1.47
C GLY A 4 -2.78 -6.15 2.77
N LYS A 5 -1.78 -7.03 2.73
CA LYS A 5 -0.89 -7.46 3.78
C LYS A 5 0.22 -6.46 4.12
N ILE A 6 0.92 -5.99 3.08
CA ILE A 6 2.09 -5.16 3.24
C ILE A 6 1.93 -3.81 2.54
N ILE A 7 2.62 -2.77 3.04
CA ILE A 7 2.43 -1.37 2.76
C ILE A 7 2.81 -0.94 1.35
N GLU A 8 2.02 -0.07 0.73
CA GLU A 8 2.21 0.51 -0.60
C GLU A 8 2.53 2.00 -0.54
N TYR A 9 2.53 2.59 0.66
CA TYR A 9 2.62 4.01 0.97
C TYR A 9 3.71 4.77 0.22
N PHE A 10 4.95 4.29 0.17
CA PHE A 10 6.04 4.88 -0.59
C PHE A 10 5.87 4.88 -2.11
N ILE A 11 4.88 4.22 -2.72
CA ILE A 11 4.57 4.31 -4.14
C ILE A 11 3.12 4.68 -4.42
N GLY A 12 2.32 4.90 -3.37
CA GLY A 12 0.92 5.25 -3.41
C GLY A 12 0.53 6.56 -2.73
N GLY A 13 1.52 7.33 -2.26
CA GLY A 13 1.29 8.52 -1.46
C GLY A 13 0.82 8.25 -0.03
N GLY A 14 -0.43 7.79 0.09
CA GLY A 14 -1.16 7.81 1.34
C GLY A 14 -2.39 6.91 1.41
N VAL A 15 -2.58 5.96 0.49
CA VAL A 15 -3.77 5.12 0.49
C VAL A 15 -3.61 3.97 1.48
N GLY A 16 -2.84 2.93 1.20
CA GLY A 16 -2.63 1.83 2.12
C GLY A 16 -1.70 0.69 1.70
N ARG A 17 -2.21 -0.54 1.68
CA ARG A 17 -1.47 -1.78 1.55
C ARG A 17 -1.68 -2.42 0.18
N TYR A 18 -1.04 -3.53 -0.17
CA TYR A 18 -1.29 -4.26 -1.40
C TYR A 18 -1.03 -5.76 -1.40
N GLY A 19 -0.24 -6.29 -0.46
CA GLY A 19 0.16 -7.68 -0.40
C GLY A 19 -1.00 -8.67 -0.30
N GLY A 1 -1.25 1.85 -2.73
CA GLY A 1 -2.41 2.07 -3.56
C GLY A 1 -3.54 1.04 -3.44
N GLY A 2 -3.58 0.20 -2.40
CA GLY A 2 -4.57 -0.84 -2.21
C GLY A 2 -4.59 -1.30 -0.76
N VAL A 3 -5.15 -2.50 -0.55
CA VAL A 3 -5.26 -3.18 0.73
C VAL A 3 -4.84 -4.62 0.58
N GLY A 4 -4.36 -5.27 1.64
CA GLY A 4 -3.56 -6.49 1.61
C GLY A 4 -2.73 -6.53 2.88
N LYS A 5 -1.48 -6.99 2.77
CA LYS A 5 -0.61 -7.37 3.87
C LYS A 5 0.73 -6.66 3.82
N ILE A 6 1.49 -6.72 2.71
CA ILE A 6 2.73 -5.99 2.54
C ILE A 6 2.41 -4.54 2.17
N ILE A 7 3.11 -3.59 2.79
CA ILE A 7 2.83 -2.18 2.72
C ILE A 7 3.13 -1.54 1.37
N GLU A 8 2.23 -0.64 0.94
CA GLU A 8 2.34 0.17 -0.25
C GLU A 8 3.00 1.52 0.00
N TYR A 9 3.31 1.83 1.26
CA TYR A 9 3.83 3.11 1.71
C TYR A 9 4.98 3.63 0.87
N PHE A 10 6.08 2.88 0.72
CA PHE A 10 7.24 3.18 -0.09
C PHE A 10 6.96 3.39 -1.57
N ILE A 11 5.78 3.03 -2.11
CA ILE A 11 5.36 3.12 -3.49
C ILE A 11 4.04 3.82 -3.72
N GLY A 12 3.42 4.41 -2.70
CA GLY A 12 2.16 5.11 -2.79
C GLY A 12 1.80 6.05 -1.64
N GLY A 13 2.57 6.05 -0.55
CA GLY A 13 2.66 7.07 0.48
C GLY A 13 1.45 7.37 1.36
N GLY A 14 0.22 7.01 0.99
CA GLY A 14 -0.97 7.50 1.65
C GLY A 14 -2.23 6.68 1.48
N VAL A 15 -2.16 5.35 1.38
CA VAL A 15 -3.32 4.49 1.27
C VAL A 15 -3.22 3.28 2.18
N GLY A 16 -2.41 2.28 1.83
CA GLY A 16 -2.33 1.06 2.60
C GLY A 16 -1.31 0.03 2.12
N ARG A 17 -1.78 -1.14 1.68
CA ARG A 17 -0.99 -2.30 1.32
C ARG A 17 -1.07 -2.61 -0.17
N TYR A 18 -0.38 -3.64 -0.66
CA TYR A 18 -0.40 -4.00 -2.07
C TYR A 18 -0.22 -5.47 -2.41
N GLY A 19 0.02 -6.36 -1.43
CA GLY A 19 0.27 -7.77 -1.63
C GLY A 19 0.03 -8.61 -0.39
N GLY A 1 -1.52 1.29 -3.61
CA GLY A 1 -2.60 1.43 -4.57
C GLY A 1 -3.96 0.79 -4.26
N GLY A 2 -4.09 0.07 -3.15
CA GLY A 2 -5.38 -0.53 -2.80
C GLY A 2 -5.39 -1.10 -1.40
N VAL A 3 -5.32 -2.43 -1.30
CA VAL A 3 -5.41 -3.13 -0.03
C VAL A 3 -4.63 -4.44 -0.08
N GLY A 4 -4.46 -5.09 1.07
CA GLY A 4 -3.81 -6.38 1.18
C GLY A 4 -3.02 -6.52 2.47
N LYS A 5 -1.70 -6.73 2.35
CA LYS A 5 -0.75 -7.12 3.36
C LYS A 5 0.48 -6.21 3.31
N ILE A 6 1.12 -6.13 2.14
CA ILE A 6 2.34 -5.39 1.91
C ILE A 6 2.05 -3.96 1.49
N ILE A 7 2.95 -3.04 1.83
CA ILE A 7 2.73 -1.60 1.90
C ILE A 7 2.93 -0.90 0.56
N GLU A 8 2.20 0.20 0.33
CA GLU A 8 2.24 1.01 -0.88
C GLU A 8 2.43 2.50 -0.66
N TYR A 9 1.96 3.06 0.45
CA TYR A 9 1.82 4.50 0.59
C TYR A 9 3.07 5.32 0.34
N PHE A 10 4.29 4.78 0.49
CA PHE A 10 5.57 5.40 0.22
C PHE A 10 5.84 5.63 -1.26
N ILE A 11 5.21 4.88 -2.17
CA ILE A 11 5.17 5.10 -3.60
C ILE A 11 3.79 5.54 -4.06
N GLY A 12 2.96 6.08 -3.17
CA GLY A 12 1.57 6.38 -3.42
C GLY A 12 1.09 7.71 -2.85
N GLY A 13 1.01 7.82 -1.53
CA GLY A 13 0.38 8.85 -0.72
C GLY A 13 -0.09 8.27 0.60
N GLY A 14 -1.27 7.63 0.57
CA GLY A 14 -2.01 7.27 1.76
C GLY A 14 -3.07 6.17 1.66
N VAL A 15 -3.27 5.53 0.51
CA VAL A 15 -4.26 4.50 0.34
C VAL A 15 -3.94 3.23 1.12
N GLY A 16 -2.64 2.95 1.32
CA GLY A 16 -2.10 2.05 2.32
C GLY A 16 -1.35 0.86 1.71
N ARG A 17 -1.98 -0.30 1.56
CA ARG A 17 -1.45 -1.55 1.04
C ARG A 17 -1.73 -1.76 -0.44
N TYR A 18 -1.28 -2.85 -1.08
CA TYR A 18 -1.51 -3.16 -2.47
C TYR A 18 -1.36 -4.63 -2.84
N GLY A 19 -0.86 -5.51 -1.96
CA GLY A 19 -0.50 -6.87 -2.30
C GLY A 19 -0.73 -7.82 -1.12
N GLY A 1 -1.04 0.34 -3.57
CA GLY A 1 -2.07 -0.07 -4.50
C GLY A 1 -3.46 0.24 -3.98
N GLY A 2 -3.91 -0.53 -2.99
CA GLY A 2 -5.14 -0.33 -2.24
C GLY A 2 -5.21 -1.16 -0.97
N VAL A 3 -5.36 -2.48 -1.12
CA VAL A 3 -5.47 -3.45 -0.05
C VAL A 3 -4.63 -4.66 -0.42
N GLY A 4 -4.17 -5.41 0.58
CA GLY A 4 -3.13 -6.43 0.41
C GLY A 4 -2.39 -6.71 1.71
N LYS A 5 -1.28 -7.42 1.65
CA LYS A 5 -0.58 -7.90 2.83
C LYS A 5 0.60 -7.01 3.21
N ILE A 6 1.54 -6.74 2.31
CA ILE A 6 2.58 -5.74 2.51
C ILE A 6 2.10 -4.34 2.14
N ILE A 7 2.68 -3.34 2.80
CA ILE A 7 2.39 -1.92 2.67
C ILE A 7 2.82 -1.33 1.34
N GLU A 8 2.09 -0.32 0.83
CA GLU A 8 2.28 0.40 -0.40
C GLU A 8 2.64 1.86 -0.17
N TYR A 9 2.33 2.38 1.02
CA TYR A 9 2.72 3.63 1.63
C TYR A 9 3.82 4.39 0.90
N PHE A 10 5.08 3.95 0.95
CA PHE A 10 6.30 4.50 0.40
C PHE A 10 6.29 4.76 -1.10
N ILE A 11 5.36 4.16 -1.86
CA ILE A 11 5.13 4.34 -3.28
C ILE A 11 3.73 4.83 -3.64
N GLY A 12 3.00 5.32 -2.64
CA GLY A 12 1.67 5.88 -2.82
C GLY A 12 1.35 7.12 -2.01
N GLY A 13 2.27 7.58 -1.16
CA GLY A 13 2.04 8.64 -0.19
C GLY A 13 1.11 8.14 0.92
N GLY A 14 -0.18 7.98 0.62
CA GLY A 14 -1.19 7.47 1.52
C GLY A 14 -2.25 6.64 0.82
N VAL A 15 -2.03 5.34 0.60
CA VAL A 15 -2.87 4.48 -0.20
C VAL A 15 -3.23 3.16 0.44
N GLY A 16 -2.40 2.57 1.32
CA GLY A 16 -2.66 1.29 1.94
C GLY A 16 -1.66 0.21 1.55
N ARG A 17 -2.14 -0.94 1.09
CA ARG A 17 -1.36 -2.15 0.90
C ARG A 17 -1.45 -2.67 -0.53
N TYR A 18 -0.62 -3.67 -0.86
CA TYR A 18 -0.63 -4.29 -2.16
C TYR A 18 -0.11 -5.73 -2.22
N GLY A 19 0.22 -6.36 -1.09
CA GLY A 19 0.64 -7.74 -1.00
C GLY A 19 -0.45 -8.72 -1.40
N GLY A 1 -1.14 -0.13 -2.49
CA GLY A 1 -2.07 -0.67 -3.46
C GLY A 1 -3.53 -0.59 -3.05
N GLY A 2 -3.86 -1.26 -1.94
CA GLY A 2 -5.16 -1.21 -1.30
C GLY A 2 -5.13 -2.04 -0.03
N VAL A 3 -6.11 -2.93 0.13
CA VAL A 3 -6.08 -4.07 1.02
C VAL A 3 -4.94 -4.99 0.61
N GLY A 4 -4.26 -5.62 1.56
CA GLY A 4 -3.12 -6.49 1.30
C GLY A 4 -2.33 -6.88 2.53
N LYS A 5 -1.17 -7.51 2.28
CA LYS A 5 -0.23 -8.09 3.23
C LYS A 5 1.00 -7.24 3.50
N ILE A 6 1.93 -7.12 2.55
CA ILE A 6 3.12 -6.29 2.64
C ILE A 6 2.84 -4.85 2.24
N ILE A 7 3.55 -3.92 2.89
CA ILE A 7 3.18 -2.52 2.97
C ILE A 7 3.39 -1.76 1.67
N GLU A 8 2.59 -0.72 1.41
CA GLU A 8 2.58 0.07 0.20
C GLU A 8 3.09 1.49 0.44
N TYR A 9 3.43 1.86 1.68
CA TYR A 9 3.67 3.21 2.11
C TYR A 9 4.68 3.96 1.24
N PHE A 10 5.87 3.38 1.06
CA PHE A 10 6.98 3.94 0.32
C PHE A 10 6.84 3.86 -1.20
N ILE A 11 5.82 3.22 -1.77
CA ILE A 11 5.61 3.01 -3.18
C ILE A 11 4.28 3.51 -3.72
N GLY A 12 3.29 3.78 -2.87
CA GLY A 12 1.99 4.34 -3.20
C GLY A 12 1.59 5.64 -2.50
N GLY A 13 2.54 6.39 -1.95
CA GLY A 13 2.29 7.64 -1.26
C GLY A 13 1.74 7.51 0.15
N GLY A 14 0.64 6.78 0.33
CA GLY A 14 -0.09 6.55 1.57
C GLY A 14 -1.41 5.83 1.34
N VAL A 15 -1.40 4.52 1.05
CA VAL A 15 -2.58 3.78 0.65
C VAL A 15 -2.85 2.61 1.58
N GLY A 16 -1.86 1.76 1.86
CA GLY A 16 -1.98 0.68 2.82
C GLY A 16 -1.00 -0.46 2.55
N ARG A 17 -1.45 -1.52 1.91
CA ARG A 17 -0.69 -2.71 1.54
C ARG A 17 -0.81 -3.04 0.07
N TYR A 18 -0.04 -4.01 -0.44
CA TYR A 18 -0.17 -4.50 -1.79
C TYR A 18 0.06 -6.00 -1.97
N GLY A 19 0.63 -6.69 -0.97
CA GLY A 19 0.81 -8.12 -0.92
C GLY A 19 -0.47 -8.94 -0.89
N GLY A 1 -1.74 1.40 -2.96
CA GLY A 1 -3.01 0.96 -3.50
C GLY A 1 -4.17 1.23 -2.57
N GLY A 2 -4.43 0.30 -1.65
CA GLY A 2 -5.36 0.46 -0.54
C GLY A 2 -5.37 -0.64 0.52
N VAL A 3 -5.43 -1.90 0.10
CA VAL A 3 -5.64 -3.05 0.97
C VAL A 3 -4.79 -4.24 0.55
N GLY A 4 -4.37 -5.09 1.49
CA GLY A 4 -3.50 -6.22 1.24
C GLY A 4 -2.53 -6.56 2.37
N LYS A 5 -1.44 -7.24 2.01
CA LYS A 5 -0.44 -7.89 2.84
C LYS A 5 0.68 -6.98 3.32
N ILE A 6 1.13 -6.09 2.41
CA ILE A 6 2.25 -5.21 2.58
C ILE A 6 1.91 -3.79 2.13
N ILE A 7 2.60 -2.78 2.67
CA ILE A 7 2.28 -1.37 2.61
C ILE A 7 2.61 -0.71 1.29
N GLU A 8 1.71 0.09 0.70
CA GLU A 8 1.91 0.95 -0.45
C GLU A 8 2.47 2.33 -0.14
N TYR A 9 2.53 2.66 1.15
CA TYR A 9 2.82 3.98 1.71
C TYR A 9 3.88 4.75 0.95
N PHE A 10 5.12 4.23 0.95
CA PHE A 10 6.28 4.84 0.36
C PHE A 10 6.31 4.91 -1.16
N ILE A 11 5.39 4.26 -1.88
CA ILE A 11 5.28 4.26 -3.32
C ILE A 11 4.01 4.92 -3.83
N GLY A 12 2.99 5.08 -2.99
CA GLY A 12 1.66 5.56 -3.27
C GLY A 12 1.02 6.38 -2.17
N GLY A 13 1.77 7.28 -1.52
CA GLY A 13 1.34 8.41 -0.72
C GLY A 13 0.88 8.08 0.69
N GLY A 14 0.06 7.04 0.87
CA GLY A 14 -0.32 6.55 2.18
C GLY A 14 -1.72 5.97 2.32
N VAL A 15 -2.33 5.53 1.21
CA VAL A 15 -3.65 4.94 1.16
C VAL A 15 -3.79 3.68 2.01
N GLY A 16 -2.73 2.88 2.13
CA GLY A 16 -2.75 1.62 2.84
C GLY A 16 -1.89 0.54 2.20
N ARG A 17 -2.27 -0.74 2.32
CA ARG A 17 -1.57 -1.86 1.72
C ARG A 17 -1.86 -2.10 0.25
N TYR A 18 -1.25 -3.11 -0.37
CA TYR A 18 -1.46 -3.52 -1.74
C TYR A 18 -1.02 -4.94 -2.07
N GLY A 19 -0.23 -5.61 -1.22
CA GLY A 19 0.25 -6.95 -1.48
C GLY A 19 -0.83 -8.01 -1.56
N GLY A 1 -1.69 1.02 -2.89
CA GLY A 1 -2.88 1.31 -3.66
C GLY A 1 -4.20 0.67 -3.25
N GLY A 2 -4.22 -0.26 -2.29
CA GLY A 2 -5.41 -1.01 -1.92
C GLY A 2 -5.43 -1.69 -0.57
N VAL A 3 -6.31 -2.68 -0.37
CA VAL A 3 -6.36 -3.52 0.81
C VAL A 3 -5.49 -4.75 0.58
N GLY A 4 -4.91 -5.33 1.63
CA GLY A 4 -3.96 -6.42 1.51
C GLY A 4 -3.05 -6.65 2.72
N LYS A 5 -2.03 -7.49 2.55
CA LYS A 5 -0.96 -7.83 3.46
C LYS A 5 0.04 -6.70 3.64
N ILE A 6 0.83 -6.46 2.58
CA ILE A 6 2.05 -5.67 2.63
C ILE A 6 1.84 -4.26 2.12
N ILE A 7 2.46 -3.29 2.80
CA ILE A 7 2.25 -1.86 2.64
C ILE A 7 2.72 -1.34 1.29
N GLU A 8 2.03 -0.35 0.74
CA GLU A 8 2.17 0.21 -0.58
C GLU A 8 2.77 1.60 -0.57
N TYR A 9 2.55 2.40 0.48
CA TYR A 9 2.77 3.83 0.44
C TYR A 9 4.21 4.27 0.20
N PHE A 10 5.17 3.38 0.47
CA PHE A 10 6.57 3.50 0.14
C PHE A 10 6.82 3.80 -1.33
N ILE A 11 5.92 3.43 -2.23
CA ILE A 11 5.85 3.80 -3.63
C ILE A 11 4.53 4.49 -3.97
N GLY A 12 3.50 4.35 -3.14
CA GLY A 12 2.19 4.95 -3.26
C GLY A 12 2.11 6.29 -2.54
N GLY A 13 1.17 6.45 -1.61
CA GLY A 13 0.98 7.70 -0.91
C GLY A 13 -0.07 7.84 0.17
N GLY A 14 -0.97 6.87 0.37
CA GLY A 14 -1.89 6.89 1.49
C GLY A 14 -3.20 6.15 1.29
N VAL A 15 -3.15 4.86 0.95
CA VAL A 15 -4.29 3.99 0.74
C VAL A 15 -4.14 2.71 1.56
N GLY A 16 -2.97 2.08 1.58
CA GLY A 16 -2.63 0.92 2.37
C GLY A 16 -1.60 -0.03 1.75
N ARG A 17 -2.07 -1.06 1.05
CA ARG A 17 -1.36 -2.27 0.74
C ARG A 17 -1.46 -2.68 -0.73
N TYR A 18 -0.65 -3.66 -1.15
CA TYR A 18 -0.56 -4.04 -2.55
C TYR A 18 -0.27 -5.52 -2.76
N GLY A 19 -0.37 -6.39 -1.75
CA GLY A 19 -0.06 -7.80 -1.86
C GLY A 19 -0.65 -8.61 -0.71
N GLY A 1 -1.11 0.59 -3.14
CA GLY A 1 -2.26 0.37 -4.00
C GLY A 1 -3.61 0.49 -3.29
N GLY A 2 -3.84 -0.32 -2.26
CA GLY A 2 -5.11 -0.43 -1.58
C GLY A 2 -5.06 -1.55 -0.53
N VAL A 3 -5.78 -2.64 -0.81
CA VAL A 3 -5.85 -3.79 0.06
C VAL A 3 -4.57 -4.61 0.07
N GLY A 4 -4.39 -5.40 1.14
CA GLY A 4 -3.36 -6.41 1.32
C GLY A 4 -2.90 -6.62 2.76
N LYS A 5 -1.65 -7.07 2.89
CA LYS A 5 -0.89 -7.22 4.12
C LYS A 5 0.46 -6.55 4.00
N ILE A 6 1.22 -6.77 2.92
CA ILE A 6 2.44 -6.07 2.59
C ILE A 6 2.19 -4.63 2.13
N ILE A 7 2.96 -3.70 2.68
CA ILE A 7 2.80 -2.27 2.57
C ILE A 7 2.96 -1.77 1.14
N GLU A 8 2.40 -0.60 0.85
CA GLU A 8 2.55 0.17 -0.38
C GLU A 8 2.76 1.66 -0.12
N TYR A 9 2.29 2.16 1.02
CA TYR A 9 2.11 3.56 1.32
C TYR A 9 3.28 4.47 0.99
N PHE A 10 4.51 3.96 1.04
CA PHE A 10 5.72 4.65 0.64
C PHE A 10 5.80 5.11 -0.82
N ILE A 11 5.15 4.41 -1.75
CA ILE A 11 4.78 4.85 -3.08
C ILE A 11 3.34 5.37 -3.12
N GLY A 12 2.45 4.78 -2.31
CA GLY A 12 1.02 5.01 -2.38
C GLY A 12 0.51 6.06 -1.41
N GLY A 13 1.07 7.27 -1.38
CA GLY A 13 0.61 8.41 -0.61
C GLY A 13 0.38 8.18 0.87
N GLY A 14 -0.86 7.87 1.27
CA GLY A 14 -1.28 7.44 2.59
C GLY A 14 -2.16 6.21 2.64
N VAL A 15 -2.31 5.53 1.49
CA VAL A 15 -3.40 4.63 1.14
C VAL A 15 -3.35 3.31 1.87
N GLY A 16 -2.28 2.52 1.82
CA GLY A 16 -2.26 1.18 2.38
C GLY A 16 -1.25 0.22 1.75
N ARG A 17 -1.73 -0.93 1.29
CA ARG A 17 -1.00 -2.15 0.99
C ARG A 17 -0.97 -2.44 -0.51
N TYR A 18 -0.36 -3.55 -0.93
CA TYR A 18 -0.56 -4.12 -2.24
C TYR A 18 -0.58 -5.64 -2.38
N GLY A 19 -0.37 -6.40 -1.30
CA GLY A 19 -0.34 -7.85 -1.33
C GLY A 19 -0.94 -8.51 -0.09
N GLY A 1 -0.35 0.51 -2.94
CA GLY A 1 -1.36 0.98 -3.88
C GLY A 1 -2.78 0.45 -3.73
N GLY A 2 -3.16 -0.12 -2.58
CA GLY A 2 -4.49 -0.62 -2.33
C GLY A 2 -4.83 -0.88 -0.87
N VAL A 3 -4.78 -2.11 -0.36
CA VAL A 3 -5.23 -2.51 0.96
C VAL A 3 -4.50 -3.76 1.40
N GLY A 4 -4.77 -4.21 2.64
CA GLY A 4 -4.64 -5.61 3.01
C GLY A 4 -3.50 -5.90 3.96
N LYS A 5 -2.36 -6.36 3.43
CA LYS A 5 -1.29 -7.01 4.16
C LYS A 5 -0.08 -6.09 4.28
N ILE A 6 0.97 -6.31 3.49
CA ILE A 6 2.16 -5.50 3.44
C ILE A 6 1.96 -4.06 2.99
N ILE A 7 2.87 -3.18 3.42
CA ILE A 7 2.82 -1.74 3.21
C ILE A 7 3.17 -1.37 1.78
N GLU A 8 2.71 -0.20 1.34
CA GLU A 8 2.89 0.34 0.00
C GLU A 8 3.12 1.84 -0.11
N TYR A 9 2.72 2.64 0.88
CA TYR A 9 2.55 4.07 0.70
C TYR A 9 3.80 4.78 0.19
N PHE A 10 5.00 4.35 0.59
CA PHE A 10 6.27 4.90 0.13
C PHE A 10 6.45 4.81 -1.39
N ILE A 11 5.73 3.94 -2.09
CA ILE A 11 5.62 3.87 -3.53
C ILE A 11 4.18 3.99 -4.00
N GLY A 12 3.27 4.55 -3.20
CA GLY A 12 1.86 4.76 -3.47
C GLY A 12 1.26 5.86 -2.60
N GLY A 13 1.80 7.08 -2.72
CA GLY A 13 1.36 8.32 -2.12
C GLY A 13 1.02 8.22 -0.64
N GLY A 14 -0.27 8.06 -0.34
CA GLY A 14 -0.90 7.86 0.94
C GLY A 14 -1.94 6.75 1.00
N VAL A 15 -2.01 5.86 0.00
CA VAL A 15 -3.01 4.80 -0.08
C VAL A 15 -2.92 3.89 1.12
N GLY A 16 -1.73 3.37 1.45
CA GLY A 16 -1.46 2.58 2.63
C GLY A 16 -0.65 1.30 2.39
N ARG A 17 -1.35 0.21 2.09
CA ARG A 17 -0.86 -1.14 1.87
C ARG A 17 -1.08 -1.57 0.42
N TYR A 18 -0.80 -2.84 0.11
CA TYR A 18 -1.16 -3.49 -1.14
C TYR A 18 -1.20 -5.00 -1.13
N GLY A 19 -0.69 -5.69 -0.11
CA GLY A 19 -0.46 -7.12 -0.11
C GLY A 19 -1.71 -7.99 -0.10
N GLY A 1 -0.71 -0.90 -3.90
CA GLY A 1 -1.64 -1.59 -4.76
C GLY A 1 -3.09 -1.25 -4.40
N GLY A 2 -3.52 -1.68 -3.21
CA GLY A 2 -4.78 -1.34 -2.57
C GLY A 2 -4.77 -1.89 -1.16
N VAL A 3 -5.18 -3.15 -1.03
CA VAL A 3 -5.19 -3.92 0.19
C VAL A 3 -4.43 -5.24 0.05
N GLY A 4 -3.98 -5.84 1.16
CA GLY A 4 -3.20 -7.06 1.19
C GLY A 4 -2.34 -7.22 2.44
N LYS A 5 -1.50 -8.24 2.52
CA LYS A 5 -0.68 -8.64 3.65
C LYS A 5 0.45 -7.71 4.04
N ILE A 6 0.99 -6.97 3.08
CA ILE A 6 2.19 -6.16 3.23
C ILE A 6 2.08 -4.82 2.52
N ILE A 7 2.97 -3.89 2.88
CA ILE A 7 2.93 -2.47 2.59
C ILE A 7 3.25 -2.12 1.14
N GLU A 8 2.53 -1.14 0.59
CA GLU A 8 2.71 -0.54 -0.71
C GLU A 8 2.85 0.97 -0.68
N TYR A 9 2.39 1.68 0.36
CA TYR A 9 2.32 3.13 0.33
C TYR A 9 3.57 3.90 -0.03
N PHE A 10 4.77 3.42 0.32
CA PHE A 10 6.04 4.02 -0.02
C PHE A 10 6.41 4.06 -1.50
N ILE A 11 5.72 3.26 -2.31
CA ILE A 11 5.71 3.23 -3.77
C ILE A 11 4.32 3.55 -4.30
N GLY A 12 3.37 4.02 -3.48
CA GLY A 12 1.94 4.03 -3.72
C GLY A 12 1.24 5.13 -2.95
N GLY A 13 1.70 6.38 -3.14
CA GLY A 13 1.30 7.65 -2.59
C GLY A 13 0.67 7.59 -1.20
N GLY A 14 -0.65 7.40 -1.12
CA GLY A 14 -1.41 7.16 0.09
C GLY A 14 -2.41 6.02 -0.01
N VAL A 15 -2.09 4.97 -0.78
CA VAL A 15 -2.89 3.79 -1.05
C VAL A 15 -2.93 2.89 0.18
N GLY A 16 -1.88 2.11 0.42
CA GLY A 16 -1.78 1.26 1.60
C GLY A 16 -0.97 -0.01 1.38
N ARG A 17 -1.59 -1.13 1.02
CA ARG A 17 -1.03 -2.47 0.98
C ARG A 17 -1.22 -3.15 -0.36
N TYR A 18 -0.71 -4.37 -0.54
CA TYR A 18 -0.84 -5.14 -1.77
C TYR A 18 -0.75 -6.66 -1.68
N GLY A 19 -0.07 -7.22 -0.67
CA GLY A 19 0.16 -8.63 -0.39
C GLY A 19 -1.01 -9.56 -0.70
N GLY A 1 -0.78 0.19 -4.31
CA GLY A 1 -1.80 0.76 -3.48
C GLY A 1 -3.13 0.02 -3.53
N GLY A 2 -4.18 0.58 -2.93
CA GLY A 2 -5.48 -0.07 -2.80
C GLY A 2 -5.75 -0.61 -1.41
N VAL A 3 -5.70 -1.93 -1.27
CA VAL A 3 -5.63 -2.65 -0.01
C VAL A 3 -4.87 -3.95 -0.22
N GLY A 4 -4.42 -4.56 0.88
CA GLY A 4 -3.74 -5.83 0.88
C GLY A 4 -2.73 -5.98 2.01
N LYS A 5 -1.91 -7.05 2.00
CA LYS A 5 -0.94 -7.36 3.03
C LYS A 5 0.19 -6.34 3.08
N ILE A 6 1.22 -6.48 2.23
CA ILE A 6 2.38 -5.62 2.25
C ILE A 6 2.04 -4.19 1.91
N ILE A 7 2.81 -3.26 2.47
CA ILE A 7 2.68 -1.82 2.31
C ILE A 7 2.87 -1.32 0.88
N GLU A 8 2.28 -0.18 0.53
CA GLU A 8 2.40 0.55 -0.73
C GLU A 8 2.62 2.05 -0.59
N TYR A 9 2.22 2.75 0.47
CA TYR A 9 2.32 4.19 0.53
C TYR A 9 3.68 4.84 0.30
N PHE A 10 4.76 4.09 0.53
CA PHE A 10 6.13 4.51 0.27
C PHE A 10 6.45 4.69 -1.22
N ILE A 11 5.61 4.17 -2.11
CA ILE A 11 5.64 4.35 -3.55
C ILE A 11 4.32 4.89 -4.09
N GLY A 12 3.23 4.76 -3.34
CA GLY A 12 1.88 5.21 -3.62
C GLY A 12 1.43 6.29 -2.65
N GLY A 13 2.31 7.23 -2.33
CA GLY A 13 2.05 8.46 -1.57
C GLY A 13 1.41 8.27 -0.20
N GLY A 14 0.08 8.38 -0.15
CA GLY A 14 -0.74 8.32 1.05
C GLY A 14 -1.81 7.23 0.96
N VAL A 15 -1.86 6.44 -0.11
CA VAL A 15 -2.83 5.38 -0.33
C VAL A 15 -2.91 4.37 0.80
N GLY A 16 -1.85 3.59 1.04
CA GLY A 16 -1.85 2.54 2.04
C GLY A 16 -1.07 1.29 1.65
N ARG A 17 -1.72 0.16 1.39
CA ARG A 17 -1.19 -1.19 1.28
C ARG A 17 -1.67 -1.82 -0.02
N TYR A 18 -1.07 -2.95 -0.41
CA TYR A 18 -1.44 -3.60 -1.64
C TYR A 18 -1.28 -5.11 -1.74
N GLY A 19 -0.57 -5.76 -0.81
CA GLY A 19 -0.29 -7.17 -0.88
C GLY A 19 -1.44 -8.08 -1.29
N GLY A 1 -0.82 -0.36 -3.75
CA GLY A 1 -1.80 0.25 -2.87
C GLY A 1 -3.10 -0.53 -2.83
N GLY A 2 -4.05 -0.01 -2.05
CA GLY A 2 -5.36 -0.57 -1.80
C GLY A 2 -5.46 -1.29 -0.46
N VAL A 3 -5.26 -2.61 -0.48
CA VAL A 3 -5.18 -3.45 0.70
C VAL A 3 -4.19 -4.58 0.47
N GLY A 4 -3.65 -5.16 1.54
CA GLY A 4 -2.70 -6.26 1.43
C GLY A 4 -1.85 -6.49 2.67
N LYS A 5 -0.79 -7.30 2.54
CA LYS A 5 0.19 -7.60 3.57
C LYS A 5 1.39 -6.67 3.52
N ILE A 6 2.18 -6.72 2.45
CA ILE A 6 3.37 -5.89 2.31
C ILE A 6 3.02 -4.46 1.90
N ILE A 7 3.82 -3.51 2.39
CA ILE A 7 3.53 -2.09 2.32
C ILE A 7 3.53 -1.58 0.88
N GLU A 8 2.72 -0.56 0.60
CA GLU A 8 2.63 0.21 -0.62
C GLU A 8 2.86 1.70 -0.41
N TYR A 9 2.70 2.20 0.82
CA TYR A 9 2.96 3.57 1.22
C TYR A 9 4.21 4.18 0.61
N PHE A 10 5.34 3.48 0.57
CA PHE A 10 6.55 3.92 -0.08
C PHE A 10 6.40 4.39 -1.52
N ILE A 11 5.35 4.01 -2.25
CA ILE A 11 5.02 4.46 -3.59
C ILE A 11 3.58 4.91 -3.77
N GLY A 12 2.76 4.80 -2.72
CA GLY A 12 1.32 4.92 -2.73
C GLY A 12 0.79 5.75 -1.56
N GLY A 13 1.09 7.06 -1.58
CA GLY A 13 0.75 8.09 -0.61
C GLY A 13 0.63 7.61 0.83
N GLY A 14 -0.61 7.41 1.28
CA GLY A 14 -0.91 6.83 2.58
C GLY A 14 -1.85 5.63 2.57
N VAL A 15 -2.10 5.05 1.39
CA VAL A 15 -3.11 4.02 1.26
C VAL A 15 -2.86 2.78 2.10
N GLY A 16 -1.61 2.35 2.23
CA GLY A 16 -1.17 1.36 3.19
C GLY A 16 -0.38 0.22 2.55
N ARG A 17 -1.05 -0.88 2.18
CA ARG A 17 -0.47 -2.11 1.68
C ARG A 17 -0.96 -2.50 0.30
N TYR A 18 -0.40 -3.58 -0.26
CA TYR A 18 -0.86 -4.16 -1.50
C TYR A 18 -0.81 -5.67 -1.61
N GLY A 19 0.10 -6.38 -0.96
CA GLY A 19 0.34 -7.81 -1.12
C GLY A 19 -0.86 -8.71 -0.91
N GLY A 1 -0.57 -0.01 -2.74
CA GLY A 1 -1.75 -0.32 -3.52
C GLY A 1 -3.12 -0.20 -2.88
N GLY A 2 -3.22 -0.54 -1.59
CA GLY A 2 -4.30 -0.26 -0.67
C GLY A 2 -4.45 -1.28 0.46
N VAL A 3 -5.41 -2.19 0.33
CA VAL A 3 -5.54 -3.37 1.15
C VAL A 3 -4.49 -4.43 0.82
N GLY A 4 -4.12 -5.34 1.72
CA GLY A 4 -3.14 -6.38 1.48
C GLY A 4 -2.14 -6.51 2.63
N LYS A 5 -1.13 -7.38 2.48
CA LYS A 5 -0.15 -7.75 3.46
C LYS A 5 1.02 -6.78 3.49
N ILE A 6 1.97 -6.88 2.56
CA ILE A 6 3.21 -6.14 2.62
C ILE A 6 3.01 -4.66 2.33
N ILE A 7 3.90 -3.81 2.85
CA ILE A 7 3.86 -2.36 2.79
C ILE A 7 3.96 -1.84 1.35
N GLU A 8 3.21 -0.77 1.05
CA GLU A 8 3.19 -0.04 -0.18
C GLU A 8 3.42 1.46 0.01
N TYR A 9 3.08 1.96 1.19
CA TYR A 9 3.05 3.35 1.60
C TYR A 9 4.21 4.22 1.14
N PHE A 10 5.45 3.73 1.15
CA PHE A 10 6.60 4.44 0.64
C PHE A 10 6.52 4.93 -0.80
N ILE A 11 5.79 4.24 -1.69
CA ILE A 11 5.50 4.66 -3.04
C ILE A 11 4.03 4.98 -3.27
N GLY A 12 3.16 4.47 -2.40
CA GLY A 12 1.73 4.72 -2.43
C GLY A 12 1.38 6.13 -1.98
N GLY A 13 2.12 6.71 -1.03
CA GLY A 13 1.74 7.95 -0.38
C GLY A 13 0.99 7.67 0.92
N GLY A 14 -0.34 7.74 0.92
CA GLY A 14 -1.25 7.58 2.03
C GLY A 14 -2.07 6.31 1.97
N VAL A 15 -1.50 5.26 1.36
CA VAL A 15 -2.26 4.17 0.80
C VAL A 15 -2.17 2.86 1.58
N GLY A 16 -1.07 2.63 2.31
CA GLY A 16 -0.90 1.49 3.19
C GLY A 16 -0.10 0.36 2.56
N ARG A 17 -0.78 -0.70 2.11
CA ARG A 17 -0.21 -2.01 1.87
C ARG A 17 -0.58 -2.49 0.47
N TYR A 18 -0.23 -3.72 0.12
CA TYR A 18 -0.63 -4.35 -1.12
C TYR A 18 -0.49 -5.86 -1.30
N GLY A 19 0.15 -6.59 -0.39
CA GLY A 19 0.42 -8.00 -0.49
C GLY A 19 -0.81 -8.89 -0.65
N GLY A 1 -1.12 0.36 -3.36
CA GLY A 1 -1.87 0.95 -2.27
C GLY A 1 -3.26 0.37 -2.17
N GLY A 2 -3.83 0.39 -0.95
CA GLY A 2 -5.10 -0.21 -0.61
C GLY A 2 -5.00 -1.33 0.41
N VAL A 3 -5.92 -2.29 0.36
CA VAL A 3 -5.93 -3.53 1.12
C VAL A 3 -4.82 -4.45 0.62
N GLY A 4 -4.21 -5.26 1.48
CA GLY A 4 -3.19 -6.22 1.09
C GLY A 4 -2.28 -6.57 2.28
N LYS A 5 -1.22 -7.34 2.02
CA LYS A 5 -0.26 -7.84 2.97
C LYS A 5 0.91 -6.88 3.17
N ILE A 6 1.83 -6.86 2.22
CA ILE A 6 3.03 -6.05 2.19
C ILE A 6 2.71 -4.60 1.83
N ILE A 7 3.41 -3.68 2.50
CA ILE A 7 3.19 -2.25 2.43
C ILE A 7 3.40 -1.68 1.04
N GLU A 8 2.64 -0.63 0.71
CA GLU A 8 2.69 0.14 -0.53
C GLU A 8 3.05 1.59 -0.24
N TYR A 9 3.22 1.99 1.02
CA TYR A 9 3.50 3.32 1.50
C TYR A 9 4.46 4.11 0.62
N PHE A 10 5.64 3.57 0.32
CA PHE A 10 6.72 4.16 -0.42
C PHE A 10 6.48 4.29 -1.92
N ILE A 11 5.47 3.68 -2.53
CA ILE A 11 5.29 3.62 -3.97
C ILE A 11 3.90 3.94 -4.50
N GLY A 12 2.85 3.83 -3.67
CA GLY A 12 1.48 4.02 -4.10
C GLY A 12 0.78 5.21 -3.46
N GLY A 13 1.45 6.37 -3.46
CA GLY A 13 0.92 7.60 -2.91
C GLY A 13 0.92 7.63 -1.40
N GLY A 14 -0.07 6.93 -0.82
CA GLY A 14 -0.34 6.89 0.61
C GLY A 14 -1.73 6.34 0.92
N VAL A 15 -1.95 5.05 0.73
CA VAL A 15 -3.17 4.35 1.09
C VAL A 15 -2.88 3.21 2.06
N GLY A 16 -1.98 2.26 1.78
CA GLY A 16 -1.65 1.21 2.72
C GLY A 16 -0.74 0.13 2.14
N ARG A 17 -1.30 -0.98 1.65
CA ARG A 17 -0.66 -2.20 1.20
C ARG A 17 -0.94 -2.56 -0.24
N TYR A 18 -0.50 -3.71 -0.76
CA TYR A 18 -0.86 -4.20 -2.07
C TYR A 18 -0.82 -5.71 -2.28
N GLY A 19 0.06 -6.44 -1.60
CA GLY A 19 0.34 -7.84 -1.84
C GLY A 19 -0.68 -8.82 -1.28
#